data_1G8C
#
_entry.id   1G8C
#
_cell.length_a   1.000
_cell.length_b   1.000
_cell.length_c   1.000
_cell.angle_alpha   90.00
_cell.angle_beta   90.00
_cell.angle_gamma   90.00
#
_symmetry.space_group_name_H-M   'P 1'
#
_entity_poly.entity_id   1
_entity_poly.type   'polypeptide(L)'
_entity_poly.pdbx_seq_one_letter_code
;ILPWKWPWWPWRR(NH2)
;
_entity_poly.pdbx_strand_id   A
#
# COMPACT_ATOMS: atom_id res chain seq x y z
N ILE A 1 -0.12 11.66 13.93
CA ILE A 1 0.94 10.69 13.57
C ILE A 1 0.46 9.80 12.41
N LEU A 2 1.34 9.00 11.86
CA LEU A 2 0.93 8.12 10.73
C LEU A 2 0.03 6.99 11.24
N PRO A 3 -0.91 6.62 10.41
CA PRO A 3 -1.84 5.53 10.77
C PRO A 3 -1.15 4.18 10.67
N TRP A 4 -0.89 3.72 9.47
CA TRP A 4 -0.22 2.41 9.31
C TRP A 4 0.04 2.11 7.84
N LYS A 5 1.16 2.55 7.31
CA LYS A 5 1.45 2.27 5.88
C LYS A 5 1.41 0.76 5.63
N TRP A 6 0.62 0.32 4.68
CA TRP A 6 0.52 -1.14 4.40
C TRP A 6 1.02 -1.47 3.00
N PRO A 7 1.70 -2.57 2.89
CA PRO A 7 2.24 -3.03 1.59
C PRO A 7 1.12 -3.60 0.73
N TRP A 8 0.68 -2.86 -0.25
CA TRP A 8 -0.42 -3.35 -1.13
C TRP A 8 -0.16 -2.97 -2.59
N TRP A 9 1.07 -3.07 -3.03
CA TRP A 9 1.39 -2.70 -4.43
C TRP A 9 0.42 -3.36 -5.40
N PRO A 10 -0.50 -2.57 -5.92
CA PRO A 10 -1.49 -3.08 -6.88
C PRO A 10 -0.83 -3.31 -8.25
N TRP A 11 0.10 -4.23 -8.32
CA TRP A 11 0.82 -4.50 -9.62
C TRP A 11 -0.08 -4.22 -10.82
N ARG A 12 -1.14 -4.95 -10.93
CA ARG A 12 -2.08 -4.76 -12.07
C ARG A 12 -2.72 -3.36 -12.01
N ARG A 13 -2.32 -2.48 -12.89
CA ARG A 13 -2.91 -1.11 -12.88
C ARG A 13 -4.33 -1.14 -13.46
N ILE A 1 8.33 -0.25 12.54
CA ILE A 1 7.67 -0.71 11.28
C ILE A 1 7.42 0.49 10.35
N LEU A 2 7.20 0.25 9.09
CA LEU A 2 6.96 1.36 8.14
C LEU A 2 5.82 2.26 8.68
N PRO A 3 5.59 3.35 7.98
CA PRO A 3 4.52 4.29 8.40
C PRO A 3 3.13 3.66 8.20
N TRP A 4 2.09 4.44 8.33
CA TRP A 4 0.72 3.91 8.15
C TRP A 4 0.58 3.15 6.83
N LYS A 5 1.48 3.39 5.93
CA LYS A 5 1.41 2.69 4.62
C LYS A 5 1.11 1.21 4.82
N TRP A 6 0.45 0.58 3.88
CA TRP A 6 0.12 -0.86 4.03
C TRP A 6 0.88 -1.69 2.99
N PRO A 7 1.22 -2.89 3.37
CA PRO A 7 1.96 -3.80 2.47
C PRO A 7 1.03 -4.34 1.38
N TRP A 8 1.07 -3.75 0.22
CA TRP A 8 0.20 -4.22 -0.89
C TRP A 8 0.44 -3.40 -2.15
N TRP A 9 1.20 -3.90 -3.08
CA TRP A 9 1.47 -3.14 -4.33
C TRP A 9 0.58 -3.66 -5.47
N PRO A 10 -0.54 -3.03 -5.64
CA PRO A 10 -1.49 -3.44 -6.71
C PRO A 10 -0.90 -3.10 -8.09
N TRP A 11 0.06 -3.87 -8.54
CA TRP A 11 0.69 -3.59 -9.87
C TRP A 11 -0.34 -3.06 -10.87
N ARG A 12 -1.21 -3.92 -11.31
CA ARG A 12 -2.24 -3.50 -12.30
C ARG A 12 -3.18 -2.45 -11.67
N ARG A 13 -3.99 -1.82 -12.48
CA ARG A 13 -4.92 -0.79 -11.94
C ARG A 13 -6.16 -1.47 -11.33
N ILE A 1 8.41 6.97 11.24
CA ILE A 1 7.28 7.85 10.82
C ILE A 1 6.18 7.03 10.16
N LEU A 2 4.94 7.30 10.49
CA LEU A 2 3.81 6.53 9.87
C LEU A 2 4.08 5.03 10.01
N PRO A 3 4.03 4.56 11.23
CA PRO A 3 4.26 3.13 11.51
C PRO A 3 3.02 2.29 11.15
N TRP A 4 2.04 2.89 10.53
CA TRP A 4 0.82 2.12 10.16
C TRP A 4 0.70 2.00 8.64
N LYS A 5 1.74 2.33 7.92
CA LYS A 5 1.67 2.22 6.44
C LYS A 5 1.36 0.78 6.03
N TRP A 6 0.42 0.61 5.14
CA TRP A 6 0.06 -0.77 4.71
C TRP A 6 0.68 -1.08 3.35
N PRO A 7 1.26 -2.25 3.25
CA PRO A 7 1.91 -2.67 1.99
C PRO A 7 0.88 -3.24 1.00
N TRP A 8 1.00 -2.88 -0.24
CA TRP A 8 0.04 -3.41 -1.27
C TRP A 8 0.38 -2.80 -2.64
N TRP A 9 1.09 -3.52 -3.45
CA TRP A 9 1.45 -3.00 -4.79
C TRP A 9 0.88 -3.90 -5.88
N PRO A 10 -0.40 -3.78 -6.10
CA PRO A 10 -1.09 -4.60 -7.12
C PRO A 10 -0.75 -4.08 -8.53
N TRP A 11 -0.49 -4.97 -9.45
CA TRP A 11 -0.15 -4.54 -10.86
C TRP A 11 -0.86 -3.24 -11.23
N ARG A 12 -2.16 -3.29 -11.29
CA ARG A 12 -2.94 -2.07 -11.64
C ARG A 12 -2.84 -1.04 -10.52
N ARG A 13 -3.00 0.22 -10.84
CA ARG A 13 -2.92 1.27 -9.80
C ARG A 13 -4.32 1.55 -9.24
N ILE A 1 4.41 13.27 9.17
CA ILE A 1 3.66 12.29 10.02
C ILE A 1 3.14 11.14 9.16
N LEU A 2 2.56 10.14 9.78
CA LEU A 2 2.02 8.99 9.00
C LEU A 2 0.98 8.24 9.82
N PRO A 3 -0.11 7.91 9.18
CA PRO A 3 -1.19 7.16 9.85
C PRO A 3 -0.78 5.71 10.04
N TRP A 4 -0.52 5.03 8.95
CA TRP A 4 -0.11 3.61 9.05
C TRP A 4 0.14 3.03 7.66
N LYS A 5 1.36 3.05 7.20
CA LYS A 5 1.66 2.49 5.85
C LYS A 5 1.14 1.06 5.74
N TRP A 6 0.87 0.61 4.55
CA TRP A 6 0.36 -0.79 4.38
C TRP A 6 0.98 -1.43 3.14
N PRO A 7 1.37 -2.67 3.29
CA PRO A 7 1.99 -3.41 2.16
C PRO A 7 0.93 -3.78 1.12
N TRP A 8 1.09 -3.34 -0.10
CA TRP A 8 0.09 -3.65 -1.15
C TRP A 8 0.52 -3.05 -2.49
N TRP A 9 1.12 -3.84 -3.34
CA TRP A 9 1.56 -3.32 -4.66
C TRP A 9 0.69 -3.92 -5.76
N PRO A 10 -0.51 -3.42 -5.87
CA PRO A 10 -1.46 -3.90 -6.90
C PRO A 10 -1.00 -3.47 -8.30
N TRP A 11 0.04 -4.09 -8.80
CA TRP A 11 0.56 -3.73 -10.15
C TRP A 11 -0.57 -3.38 -11.11
N ARG A 12 -1.69 -4.04 -10.96
CA ARG A 12 -2.84 -3.76 -11.86
C ARG A 12 -3.90 -2.94 -11.13
N ARG A 13 -4.38 -1.89 -11.74
CA ARG A 13 -5.42 -1.04 -11.10
C ARG A 13 -6.82 -1.53 -11.48
N ILE A 1 -3.46 1.48 11.69
CA ILE A 1 -4.24 0.64 10.73
C ILE A 1 -4.74 1.49 9.56
N LEU A 2 -4.25 2.69 9.48
CA LEU A 2 -4.68 3.59 8.37
C LEU A 2 -4.19 3.06 7.02
N PRO A 3 -4.99 3.30 6.01
CA PRO A 3 -4.64 2.83 4.65
C PRO A 3 -3.53 3.70 4.05
N TRP A 4 -2.30 3.38 4.30
CA TRP A 4 -1.18 4.20 3.75
C TRP A 4 0.15 3.48 3.91
N LYS A 5 0.49 3.15 5.11
CA LYS A 5 1.77 2.45 5.37
C LYS A 5 1.57 0.93 5.36
N TRP A 6 0.68 0.44 4.53
CA TRP A 6 0.45 -1.03 4.49
C TRP A 6 1.03 -1.63 3.20
N PRO A 7 1.48 -2.84 3.32
CA PRO A 7 2.08 -3.55 2.17
C PRO A 7 1.00 -4.02 1.19
N TRP A 8 0.85 -3.33 0.09
CA TRP A 8 -0.19 -3.75 -0.90
C TRP A 8 0.00 -3.00 -2.23
N TRP A 9 0.89 -3.46 -3.06
CA TRP A 9 1.13 -2.77 -4.35
C TRP A 9 0.44 -3.54 -5.49
N PRO A 10 -0.74 -3.10 -5.82
CA PRO A 10 -1.50 -3.76 -6.91
C PRO A 10 -0.86 -3.44 -8.27
N TRP A 11 0.08 -4.26 -8.69
CA TRP A 11 0.78 -4.02 -10.01
C TRP A 11 -0.11 -3.27 -10.99
N ARG A 12 -1.22 -3.84 -11.34
CA ARG A 12 -2.16 -3.17 -12.29
C ARG A 12 -2.22 -1.67 -12.01
N ARG A 13 -1.95 -0.86 -13.00
CA ARG A 13 -2.00 0.61 -12.80
C ARG A 13 -3.43 1.12 -13.02
N ILE A 1 -8.76 1.26 10.28
CA ILE A 1 -7.30 1.52 10.09
C ILE A 1 -7.10 2.65 9.08
N LEU A 2 -5.90 3.15 8.97
CA LEU A 2 -5.63 4.25 8.00
C LEU A 2 -4.75 3.75 6.86
N PRO A 3 -5.15 4.07 5.65
CA PRO A 3 -4.38 3.65 4.45
C PRO A 3 -3.09 4.48 4.34
N TRP A 4 -2.05 4.06 4.99
CA TRP A 4 -0.77 4.83 4.93
C TRP A 4 0.42 3.89 4.99
N LYS A 5 0.61 3.28 6.11
CA LYS A 5 1.75 2.35 6.28
C LYS A 5 1.31 0.91 6.01
N TRP A 6 0.74 0.65 4.87
CA TRP A 6 0.29 -0.73 4.54
C TRP A 6 0.98 -1.24 3.28
N PRO A 7 1.26 -2.51 3.28
CA PRO A 7 1.94 -3.14 2.14
C PRO A 7 0.93 -3.64 1.09
N TRP A 8 1.10 -3.27 -0.14
CA TRP A 8 0.16 -3.73 -1.20
C TRP A 8 0.57 -3.14 -2.56
N TRP A 9 1.22 -3.92 -3.37
CA TRP A 9 1.66 -3.40 -4.71
C TRP A 9 0.81 -4.06 -5.81
N PRO A 10 -0.40 -3.58 -5.94
CA PRO A 10 -1.33 -4.10 -6.97
C PRO A 10 -0.90 -3.65 -8.36
N TRP A 11 -0.72 -4.57 -9.28
CA TRP A 11 -0.28 -4.20 -10.67
C TRP A 11 -0.87 -2.85 -11.09
N ARG A 12 -2.15 -2.79 -11.25
CA ARG A 12 -2.83 -1.53 -11.66
C ARG A 12 -2.17 -0.32 -10.98
N ARG A 13 -1.96 0.74 -11.72
CA ARG A 13 -1.34 1.95 -11.11
C ARG A 13 -2.41 2.98 -10.75
N ILE A 1 3.31 -1.03 10.88
CA ILE A 1 2.61 -1.46 12.13
C ILE A 1 1.54 -0.45 12.52
N LEU A 2 1.25 0.45 11.63
CA LEU A 2 0.21 1.47 11.92
C LEU A 2 -0.70 1.68 10.71
N PRO A 3 -1.84 2.28 10.95
CA PRO A 3 -2.81 2.53 9.86
C PRO A 3 -2.31 3.66 8.96
N TRP A 4 -1.45 3.36 8.02
CA TRP A 4 -0.93 4.42 7.12
C TRP A 4 0.01 3.83 6.09
N LYS A 5 0.92 3.03 6.54
CA LYS A 5 1.90 2.39 5.61
C LYS A 5 1.54 0.92 5.38
N TRP A 6 0.42 0.66 4.78
CA TRP A 6 0.00 -0.75 4.53
C TRP A 6 0.75 -1.32 3.32
N PRO A 7 1.00 -2.60 3.38
CA PRO A 7 1.71 -3.30 2.29
C PRO A 7 0.73 -3.74 1.20
N TRP A 8 0.97 -3.35 -0.03
CA TRP A 8 0.05 -3.75 -1.12
C TRP A 8 0.51 -3.13 -2.45
N TRP A 9 1.13 -3.90 -3.29
CA TRP A 9 1.59 -3.35 -4.59
C TRP A 9 0.82 -4.01 -5.74
N PRO A 10 -0.42 -3.62 -5.86
CA PRO A 10 -1.29 -4.17 -6.93
C PRO A 10 -0.92 -3.58 -8.29
N TRP A 11 0.28 -3.87 -8.75
CA TRP A 11 0.74 -3.31 -10.08
C TRP A 11 -0.43 -3.18 -11.05
N ARG A 12 -1.01 -4.27 -11.44
CA ARG A 12 -2.15 -4.22 -12.39
C ARG A 12 -3.34 -3.50 -11.76
N ARG A 13 -4.34 -3.16 -12.54
CA ARG A 13 -5.51 -2.46 -11.99
C ARG A 13 -6.70 -3.43 -11.89
N ILE A 1 -0.27 11.76 6.79
CA ILE A 1 0.16 10.52 6.08
C ILE A 1 1.33 9.87 6.82
N LEU A 2 1.75 8.71 6.38
CA LEU A 2 2.88 8.03 7.06
C LEU A 2 3.65 7.16 6.05
N PRO A 3 4.94 7.11 6.22
CA PRO A 3 5.80 6.31 5.31
C PRO A 3 5.63 4.81 5.60
N TRP A 4 5.00 4.46 6.68
CA TRP A 4 4.81 3.02 7.00
C TRP A 4 3.33 2.64 6.92
N LYS A 5 2.74 2.74 5.75
CA LYS A 5 1.30 2.39 5.61
C LYS A 5 1.16 0.89 5.34
N TRP A 6 -0.01 0.45 4.98
CA TRP A 6 -0.22 -1.00 4.69
C TRP A 6 0.55 -1.40 3.43
N PRO A 7 0.98 -2.63 3.43
CA PRO A 7 1.75 -3.18 2.30
C PRO A 7 0.80 -3.71 1.21
N TRP A 8 0.94 -3.23 0.00
CA TRP A 8 0.05 -3.70 -1.09
C TRP A 8 0.42 -3.00 -2.41
N TRP A 9 1.15 -3.68 -3.26
CA TRP A 9 1.53 -3.05 -4.56
C TRP A 9 0.87 -3.82 -5.71
N PRO A 10 -0.41 -3.62 -5.85
CA PRO A 10 -1.17 -4.31 -6.92
C PRO A 10 -0.84 -3.69 -8.28
N TRP A 11 0.37 -3.89 -8.74
CA TRP A 11 0.80 -3.32 -10.06
C TRP A 11 -0.39 -3.23 -11.03
N ARG A 12 -0.92 -4.35 -11.41
CA ARG A 12 -2.08 -4.35 -12.35
C ARG A 12 -3.32 -3.80 -11.66
N ARG A 13 -4.42 -3.76 -12.35
CA ARG A 13 -5.67 -3.24 -11.73
C ARG A 13 -6.64 -4.40 -11.47
N ILE A 1 -2.80 2.95 14.41
CA ILE A 1 -2.69 2.44 13.01
C ILE A 1 -3.49 3.33 12.06
N LEU A 2 -3.02 3.50 10.85
CA LEU A 2 -3.75 4.35 9.87
C LEU A 2 -3.63 3.76 8.47
N PRO A 3 -4.60 4.05 7.64
CA PRO A 3 -4.60 3.55 6.26
C PRO A 3 -3.58 4.29 5.40
N TRP A 4 -2.37 3.78 5.31
CA TRP A 4 -1.35 4.48 4.49
C TRP A 4 -0.05 3.67 4.46
N LYS A 5 0.38 3.24 5.60
CA LYS A 5 1.64 2.44 5.67
C LYS A 5 1.34 0.94 5.57
N TRP A 6 0.61 0.55 4.56
CA TRP A 6 0.29 -0.89 4.40
C TRP A 6 1.02 -1.48 3.20
N PRO A 7 1.37 -2.73 3.32
CA PRO A 7 2.09 -3.43 2.24
C PRO A 7 1.10 -3.98 1.20
N TRP A 8 1.07 -3.38 0.03
CA TRP A 8 0.14 -3.86 -1.03
C TRP A 8 0.42 -3.14 -2.35
N TRP A 9 1.16 -3.76 -3.22
CA TRP A 9 1.46 -3.11 -4.52
C TRP A 9 0.55 -3.67 -5.62
N PRO A 10 -0.54 -2.97 -5.85
CA PRO A 10 -1.51 -3.40 -6.89
C PRO A 10 -0.89 -3.27 -8.29
N TRP A 11 -0.40 -4.36 -8.83
CA TRP A 11 0.24 -4.31 -10.19
C TRP A 11 -0.53 -3.37 -11.12
N ARG A 12 -1.65 -3.84 -11.60
CA ARG A 12 -2.47 -3.01 -12.52
C ARG A 12 -3.07 -1.82 -11.77
N ARG A 13 -2.59 -0.63 -12.05
CA ARG A 13 -3.11 0.58 -11.35
C ARG A 13 -4.57 0.83 -11.75
N ILE A 1 -5.70 5.56 15.16
CA ILE A 1 -6.64 4.76 14.32
C ILE A 1 -6.38 5.03 12.84
N LEU A 2 -5.31 5.68 12.55
CA LEU A 2 -4.97 6.00 11.13
C LEU A 2 -3.78 5.15 10.66
N PRO A 3 -4.01 4.37 9.66
CA PRO A 3 -2.95 3.49 9.11
C PRO A 3 -1.91 4.32 8.35
N TRP A 4 -0.74 3.79 8.16
CA TRP A 4 0.31 4.54 7.43
C TRP A 4 0.44 4.03 6.00
N LYS A 5 1.26 3.05 5.80
CA LYS A 5 1.45 2.49 4.43
C LYS A 5 1.29 0.96 4.47
N TRP A 6 0.22 0.46 3.91
CA TRP A 6 0.00 -1.01 3.91
C TRP A 6 0.80 -1.67 2.78
N PRO A 7 1.31 -2.82 3.06
CA PRO A 7 2.11 -3.58 2.07
C PRO A 7 1.19 -4.25 1.05
N TRP A 8 0.63 -3.49 0.14
CA TRP A 8 -0.26 -4.09 -0.88
C TRP A 8 0.02 -3.50 -2.26
N TRP A 9 1.25 -3.47 -2.68
CA TRP A 9 1.59 -2.91 -4.01
C TRP A 9 0.57 -3.35 -5.06
N PRO A 10 -0.36 -2.48 -5.35
CA PRO A 10 -1.40 -2.79 -6.36
C PRO A 10 -0.81 -2.84 -7.76
N TRP A 11 0.05 -3.81 -8.01
CA TRP A 11 0.70 -3.94 -9.37
C TRP A 11 -0.19 -3.37 -10.47
N ARG A 12 -1.35 -3.91 -10.61
CA ARG A 12 -2.29 -3.43 -11.66
C ARG A 12 -2.61 -1.94 -11.46
N ARG A 13 -2.26 -1.12 -12.41
CA ARG A 13 -2.54 0.34 -12.26
C ARG A 13 -3.89 0.68 -12.91
N ILE A 1 6.19 9.72 -1.05
CA ILE A 1 5.68 8.32 -1.07
C ILE A 1 5.09 7.95 0.30
N LEU A 2 4.48 6.80 0.41
CA LEU A 2 3.90 6.38 1.71
C LEU A 2 4.42 5.01 2.12
N PRO A 3 5.66 4.98 2.51
CA PRO A 3 6.31 3.71 2.93
C PRO A 3 5.84 3.30 4.33
N TRP A 4 4.90 4.01 4.89
CA TRP A 4 4.40 3.66 6.24
C TRP A 4 2.98 3.09 6.17
N LYS A 5 2.47 2.92 4.98
CA LYS A 5 1.09 2.38 4.83
C LYS A 5 1.15 0.86 4.61
N TRP A 6 0.02 0.20 4.74
CA TRP A 6 0.00 -1.27 4.55
C TRP A 6 0.72 -1.66 3.25
N PRO A 7 1.31 -2.81 3.27
CA PRO A 7 2.05 -3.32 2.10
C PRO A 7 1.10 -4.05 1.14
N TRP A 8 0.82 -3.47 0.01
CA TRP A 8 -0.09 -4.13 -0.96
C TRP A 8 -0.03 -3.42 -2.32
N TRP A 9 1.14 -3.09 -2.78
CA TRP A 9 1.26 -2.39 -4.10
C TRP A 9 0.50 -3.16 -5.18
N PRO A 10 -0.64 -2.62 -5.56
CA PRO A 10 -1.47 -3.26 -6.61
C PRO A 10 -0.78 -3.16 -7.97
N TRP A 11 -0.02 -4.16 -8.34
CA TRP A 11 0.71 -4.14 -9.65
C TRP A 11 -0.04 -3.32 -10.70
N ARG A 12 -1.24 -3.72 -11.00
CA ARG A 12 -2.05 -3.00 -12.03
C ARG A 12 -1.79 -1.49 -11.96
N ARG A 13 -1.29 -0.92 -13.02
CA ARG A 13 -1.01 0.54 -13.03
C ARG A 13 -2.02 1.26 -13.93
N ILE A 1 -1.41 10.68 11.84
CA ILE A 1 -1.51 9.39 11.11
C ILE A 1 -2.12 9.60 9.72
N LEU A 2 -1.66 8.87 8.75
CA LEU A 2 -2.21 9.04 7.36
C LEU A 2 -2.34 7.67 6.68
N PRO A 3 -3.08 7.65 5.61
CA PRO A 3 -3.30 6.39 4.86
C PRO A 3 -2.01 5.98 4.13
N TRP A 4 -1.10 5.35 4.82
CA TRP A 4 0.17 4.92 4.17
C TRP A 4 1.04 4.16 5.17
N LYS A 5 0.61 3.01 5.61
CA LYS A 5 1.41 2.23 6.58
C LYS A 5 1.28 0.73 6.29
N TRP A 6 0.88 0.38 5.10
CA TRP A 6 0.71 -1.06 4.76
C TRP A 6 1.23 -1.34 3.34
N PRO A 7 1.76 -2.52 3.17
CA PRO A 7 2.31 -2.94 1.86
C PRO A 7 1.21 -3.54 0.98
N TRP A 8 1.09 -3.08 -0.23
CA TRP A 8 0.04 -3.63 -1.14
C TRP A 8 0.15 -2.98 -2.52
N TRP A 9 1.11 -3.38 -3.32
CA TRP A 9 1.24 -2.78 -4.67
C TRP A 9 0.39 -3.55 -5.69
N PRO A 10 -0.66 -2.91 -6.12
CA PRO A 10 -1.57 -3.54 -7.11
C PRO A 10 -0.90 -3.57 -8.49
N TRP A 11 -1.25 -4.54 -9.30
CA TRP A 11 -0.63 -4.68 -10.66
C TRP A 11 -0.23 -3.33 -11.24
N ARG A 12 -1.16 -2.45 -11.38
CA ARG A 12 -0.88 -1.09 -11.95
C ARG A 12 0.53 -0.63 -11.58
N ARG A 13 1.36 -0.37 -12.56
CA ARG A 13 2.74 0.09 -12.26
C ARG A 13 2.81 1.62 -12.28
N ILE A 1 0.41 -3.77 12.62
CA ILE A 1 0.76 -2.34 12.87
C ILE A 1 -0.38 -1.43 12.45
N LEU A 2 -0.33 -0.18 12.83
CA LEU A 2 -1.41 0.76 12.45
C LEU A 2 -1.80 0.56 10.98
N PRO A 3 -3.08 0.61 10.73
CA PRO A 3 -3.60 0.42 9.35
C PRO A 3 -3.33 1.67 8.50
N TRP A 4 -2.09 2.05 8.36
CA TRP A 4 -1.76 3.24 7.54
C TRP A 4 -0.71 2.89 6.49
N LYS A 5 0.49 2.70 6.91
CA LYS A 5 1.58 2.35 5.96
C LYS A 5 1.53 0.85 5.64
N TRP A 6 0.41 0.37 5.19
CA TRP A 6 0.28 -1.08 4.87
C TRP A 6 0.86 -1.37 3.49
N PRO A 7 1.48 -2.52 3.39
CA PRO A 7 2.10 -2.94 2.11
C PRO A 7 1.03 -3.45 1.13
N TRP A 8 1.13 -3.08 -0.11
CA TRP A 8 0.13 -3.53 -1.12
C TRP A 8 0.47 -2.95 -2.49
N TRP A 9 1.05 -3.73 -3.36
CA TRP A 9 1.39 -3.20 -4.70
C TRP A 9 0.50 -3.84 -5.77
N PRO A 10 -0.59 -3.18 -6.06
CA PRO A 10 -1.54 -3.70 -7.09
C PRO A 10 -0.94 -3.54 -8.49
N TRP A 11 -0.51 -4.63 -9.09
CA TRP A 11 0.12 -4.57 -10.45
C TRP A 11 -0.45 -3.41 -11.27
N ARG A 12 -1.72 -3.47 -11.56
CA ARG A 12 -2.35 -2.37 -12.35
C ARG A 12 -2.04 -1.01 -11.72
N ARG A 13 -1.20 -0.24 -12.36
CA ARG A 13 -0.84 1.09 -11.79
C ARG A 13 -1.61 2.19 -12.55
N ILE A 1 -0.75 11.15 11.29
CA ILE A 1 0.25 10.05 11.13
C ILE A 1 0.32 9.61 9.67
N LEU A 2 0.72 8.39 9.43
CA LEU A 2 0.81 7.90 8.02
C LEU A 2 -0.27 6.85 7.74
N PRO A 3 -1.31 7.29 7.09
CA PRO A 3 -2.44 6.40 6.75
C PRO A 3 -2.09 5.50 5.56
N TRP A 4 -0.92 5.64 5.02
CA TRP A 4 -0.52 4.79 3.87
C TRP A 4 0.61 3.83 4.26
N LYS A 5 0.61 3.37 5.48
CA LYS A 5 1.69 2.44 5.92
C LYS A 5 1.23 0.99 5.79
N TRP A 6 0.75 0.60 4.63
CA TRP A 6 0.27 -0.79 4.46
C TRP A 6 0.94 -1.44 3.24
N PRO A 7 1.28 -2.69 3.41
CA PRO A 7 1.94 -3.46 2.32
C PRO A 7 0.92 -3.83 1.24
N TRP A 8 1.08 -3.32 0.05
CA TRP A 8 0.12 -3.63 -1.05
C TRP A 8 0.61 -3.04 -2.36
N TRP A 9 1.22 -3.84 -3.21
CA TRP A 9 1.70 -3.32 -4.50
C TRP A 9 0.98 -4.02 -5.66
N PRO A 10 -0.26 -3.65 -5.84
CA PRO A 10 -1.07 -4.25 -6.93
C PRO A 10 -0.64 -3.68 -8.28
N TRP A 11 -0.92 -4.37 -9.34
CA TRP A 11 -0.52 -3.88 -10.69
C TRP A 11 -1.25 -2.58 -11.03
N ARG A 12 -2.39 -2.38 -10.47
CA ARG A 12 -3.16 -1.13 -10.75
C ARG A 12 -3.51 -0.40 -9.46
N ARG A 13 -4.52 0.41 -9.53
CA ARG A 13 -4.97 1.20 -8.35
C ARG A 13 -4.80 0.37 -7.05
N ILE A 1 8.58 2.00 12.61
CA ILE A 1 7.52 1.80 11.57
C ILE A 1 6.31 2.70 11.88
N LEU A 2 5.62 3.13 10.87
CA LEU A 2 4.44 4.00 11.10
C LEU A 2 3.16 3.28 10.65
N PRO A 3 2.19 3.27 11.51
CA PRO A 3 0.90 2.60 11.20
C PRO A 3 0.11 3.43 10.19
N TRP A 4 0.22 3.12 8.93
CA TRP A 4 -0.53 3.89 7.90
C TRP A 4 -0.26 3.32 6.51
N LYS A 5 0.97 3.09 6.21
CA LYS A 5 1.34 2.54 4.88
C LYS A 5 1.30 1.02 4.91
N TRP A 6 0.42 0.41 4.17
CA TRP A 6 0.34 -1.08 4.15
C TRP A 6 1.00 -1.63 2.88
N PRO A 7 1.57 -2.79 3.02
CA PRO A 7 2.25 -3.46 1.88
C PRO A 7 1.21 -4.04 0.92
N TRP A 8 0.59 -3.20 0.13
CA TRP A 8 -0.43 -3.70 -0.84
C TRP A 8 -0.09 -3.27 -2.26
N TRP A 9 1.13 -3.42 -2.66
CA TRP A 9 1.52 -3.02 -4.04
C TRP A 9 0.54 -3.58 -5.06
N PRO A 10 -0.30 -2.71 -5.56
CA PRO A 10 -1.31 -3.13 -6.57
C PRO A 10 -0.63 -3.48 -7.89
N TRP A 11 -1.36 -3.45 -8.98
CA TRP A 11 -0.75 -3.77 -10.31
C TRP A 11 -0.19 -2.51 -10.95
N ARG A 12 -1.06 -1.60 -11.31
CA ARG A 12 -0.61 -0.35 -11.95
C ARG A 12 -1.03 0.86 -11.12
N ARG A 13 -0.79 2.04 -11.61
CA ARG A 13 -1.19 3.25 -10.84
C ARG A 13 -2.37 3.94 -11.54
N ILE A 1 3.47 9.05 12.76
CA ILE A 1 2.94 9.68 11.50
C ILE A 1 2.73 8.61 10.43
N LEU A 2 2.20 9.01 9.29
CA LEU A 2 1.97 8.01 8.20
C LEU A 2 1.17 6.83 8.72
N PRO A 3 -0.08 7.08 9.02
CA PRO A 3 -0.97 6.03 9.53
C PRO A 3 -1.38 5.07 8.40
N TRP A 4 -0.89 5.29 7.21
CA TRP A 4 -1.25 4.40 6.07
C TRP A 4 -0.06 3.54 5.67
N LYS A 5 0.70 3.06 6.62
CA LYS A 5 1.88 2.22 6.28
C LYS A 5 1.44 0.78 6.01
N TRP A 6 0.73 0.54 4.94
CA TRP A 6 0.27 -0.83 4.62
C TRP A 6 0.92 -1.32 3.31
N PRO A 7 1.36 -2.54 3.33
CA PRO A 7 1.99 -3.15 2.14
C PRO A 7 0.92 -3.50 1.10
N TRP A 8 1.13 -3.14 -0.14
CA TRP A 8 0.11 -3.46 -1.18
C TRP A 8 0.52 -2.88 -2.53
N TRP A 9 1.04 -3.69 -3.41
CA TRP A 9 1.44 -3.20 -4.74
C TRP A 9 0.63 -3.91 -5.83
N PRO A 10 -0.56 -3.41 -6.04
CA PRO A 10 -1.46 -4.01 -7.06
C PRO A 10 -0.98 -3.66 -8.47
N TRP A 11 0.01 -4.37 -8.95
CA TRP A 11 0.55 -4.10 -10.33
C TRP A 11 -0.52 -3.53 -11.24
N ARG A 12 -1.56 -4.28 -11.45
CA ARG A 12 -2.67 -3.80 -12.32
C ARG A 12 -3.03 -2.35 -11.97
N ARG A 13 -2.87 -1.46 -12.91
CA ARG A 13 -3.19 -0.04 -12.64
C ARG A 13 -4.51 0.33 -13.32
#